data_2KNU
#
_entry.id   2KNU
#
_entity_poly.entity_id   1
_entity_poly.type   'polypeptide(L)'
_entity_poly.pdbx_seq_one_letter_code
;TGHRMAWDMMMNWSPTAALVVAQLLRIPQ
;
_entity_poly.pdbx_strand_id   A
#
# COMPACT_ATOMS: atom_id res chain seq x y z
N THR A 1 12.60 -5.45 -7.11
CA THR A 1 12.71 -6.69 -6.33
C THR A 1 11.29 -7.13 -5.95
N GLY A 2 11.14 -7.95 -4.92
CA GLY A 2 9.85 -8.35 -4.37
C GLY A 2 9.13 -9.34 -5.28
N HIS A 3 8.49 -8.85 -6.35
CA HIS A 3 7.54 -9.67 -7.11
C HIS A 3 6.51 -10.23 -6.11
N ARG A 4 6.02 -11.46 -6.28
CA ARG A 4 5.24 -12.21 -5.30
C ARG A 4 4.25 -11.34 -4.50
N MET A 5 3.23 -10.87 -5.20
CA MET A 5 2.17 -9.98 -4.74
C MET A 5 2.47 -8.49 -4.92
N ALA A 6 3.67 -8.14 -5.43
CA ALA A 6 3.96 -6.80 -5.96
C ALA A 6 2.79 -6.25 -6.76
N TRP A 7 2.31 -7.12 -7.67
CA TRP A 7 1.22 -6.87 -8.59
C TRP A 7 -0.01 -6.25 -7.91
N ASP A 8 -0.22 -6.54 -6.62
CA ASP A 8 -1.18 -5.82 -5.79
C ASP A 8 -0.58 -5.53 -4.42
N MET A 9 0.54 -4.81 -4.42
CA MET A 9 1.16 -4.28 -3.22
C MET A 9 2.17 -3.17 -3.58
N MET A 10 3.10 -3.47 -4.47
CA MET A 10 4.17 -2.56 -4.87
C MET A 10 3.73 -1.65 -6.03
N MET A 11 2.79 -2.09 -6.87
CA MET A 11 2.31 -1.24 -7.95
C MET A 11 1.81 0.11 -7.41
N ASN A 12 2.43 1.21 -7.84
CA ASN A 12 1.90 2.55 -7.61
C ASN A 12 0.94 2.88 -8.74
N TRP A 13 -0.31 2.49 -8.58
CA TRP A 13 -1.39 2.92 -9.45
C TRP A 13 -1.70 4.38 -9.10
N SER A 14 -2.70 4.59 -8.25
CA SER A 14 -3.02 5.87 -7.62
C SER A 14 -3.46 5.60 -6.17
N PRO A 15 -2.56 5.14 -5.30
CA PRO A 15 -2.77 4.92 -3.86
C PRO A 15 -2.93 6.24 -3.09
N THR A 16 -3.81 7.11 -3.58
CA THR A 16 -4.05 8.47 -3.11
C THR A 16 -4.08 8.57 -1.59
N ALA A 17 -4.98 7.83 -0.93
CA ALA A 17 -4.93 7.75 0.53
C ALA A 17 -3.94 6.71 1.01
N ALA A 18 -3.72 5.61 0.30
CA ALA A 18 -2.96 4.51 0.87
C ALA A 18 -1.54 4.94 1.30
N LEU A 19 -0.90 5.85 0.56
CA LEU A 19 0.37 6.49 0.92
C LEU A 19 0.25 7.35 2.18
N VAL A 20 -0.98 7.81 2.47
CA VAL A 20 -1.32 8.54 3.68
C VAL A 20 -1.55 7.54 4.81
N VAL A 21 -2.38 6.53 4.60
CA VAL A 21 -2.60 5.46 5.56
C VAL A 21 -1.26 4.86 6.00
N ALA A 22 -0.36 4.71 5.03
CA ALA A 22 1.02 4.30 5.26
C ALA A 22 1.74 5.13 6.33
N GLN A 23 1.42 6.42 6.45
CA GLN A 23 2.00 7.33 7.43
C GLN A 23 1.13 7.43 8.68
N LEU A 24 -0.19 7.35 8.51
CA LEU A 24 -1.16 7.46 9.60
C LEU A 24 -1.15 6.22 10.50
N LEU A 25 -1.47 5.07 9.92
CA LEU A 25 -1.89 3.88 10.65
C LEU A 25 -1.60 2.61 9.82
N ARG A 26 -0.31 2.34 9.58
CA ARG A 26 0.14 1.12 8.88
C ARG A 26 0.41 -0.04 9.85
N ILE A 27 -0.16 0.04 11.04
CA ILE A 27 0.02 -0.88 12.15
C ILE A 27 -1.37 -1.02 12.79
N PRO A 28 -1.61 -2.05 13.63
CA PRO A 28 -2.93 -2.31 14.19
C PRO A 28 -3.14 -1.43 15.43
N GLN A 29 -3.03 -0.11 15.24
CA GLN A 29 -3.04 0.96 16.24
C GLN A 29 -2.30 2.14 15.60
N THR A 1 6.51 -9.96 -11.64
CA THR A 1 5.80 -10.83 -10.68
C THR A 1 5.31 -9.94 -9.55
N GLY A 2 5.02 -10.52 -8.38
CA GLY A 2 4.48 -9.81 -7.21
C GLY A 2 3.08 -10.33 -6.93
N HIS A 3 2.84 -10.81 -5.71
CA HIS A 3 1.53 -11.24 -5.22
C HIS A 3 1.43 -10.83 -3.75
N ARG A 4 0.27 -11.10 -3.14
CA ARG A 4 0.01 -10.99 -1.71
C ARG A 4 0.41 -9.61 -1.17
N MET A 5 -0.47 -8.64 -1.40
CA MET A 5 -0.22 -7.21 -1.18
C MET A 5 0.94 -6.73 -2.06
N ALA A 6 0.80 -7.10 -3.34
CA ALA A 6 1.52 -6.51 -4.46
C ALA A 6 0.63 -5.40 -5.02
N TRP A 7 -0.65 -5.74 -5.11
CA TRP A 7 -1.70 -4.90 -5.65
C TRP A 7 -1.64 -3.46 -5.14
N ASP A 8 -1.30 -3.27 -3.86
CA ASP A 8 -0.89 -1.97 -3.37
C ASP A 8 0.56 -2.10 -2.92
N MET A 9 1.21 -0.97 -2.68
CA MET A 9 2.56 -0.85 -2.15
C MET A 9 3.61 -1.19 -3.20
N MET A 10 3.49 -2.33 -3.90
CA MET A 10 4.34 -2.62 -5.05
C MET A 10 3.81 -1.88 -6.28
N MET A 11 2.54 -2.10 -6.66
CA MET A 11 2.01 -1.51 -7.87
C MET A 11 1.62 -0.04 -7.64
N ASN A 12 2.29 0.90 -8.31
CA ASN A 12 1.97 2.32 -8.22
C ASN A 12 1.11 2.75 -9.40
N TRP A 13 -0.18 2.40 -9.36
CA TRP A 13 -1.17 2.89 -10.30
C TRP A 13 -1.59 4.29 -9.87
N SER A 14 -2.21 4.36 -8.71
CA SER A 14 -2.55 5.55 -7.95
C SER A 14 -3.09 5.12 -6.58
N PRO A 15 -2.24 4.55 -5.71
CA PRO A 15 -2.52 4.23 -4.31
C PRO A 15 -2.76 5.51 -3.49
N THR A 16 -3.76 6.31 -3.90
CA THR A 16 -4.09 7.63 -3.41
C THR A 16 -4.01 7.70 -1.90
N ALA A 17 -4.99 7.09 -1.22
CA ALA A 17 -4.91 7.02 0.23
C ALA A 17 -3.91 5.98 0.67
N ALA A 18 -3.73 4.87 -0.04
CA ALA A 18 -2.92 3.78 0.49
C ALA A 18 -1.50 4.24 0.84
N LEU A 19 -0.91 5.08 0.00
CA LEU A 19 0.37 5.73 0.30
C LEU A 19 0.27 6.50 1.62
N VAL A 20 -0.90 7.08 1.89
CA VAL A 20 -1.13 7.78 3.15
C VAL A 20 -1.31 6.79 4.29
N VAL A 21 -2.10 5.75 4.09
CA VAL A 21 -2.33 4.71 5.06
C VAL A 21 -1.00 4.14 5.54
N ALA A 22 -0.05 4.06 4.61
CA ALA A 22 1.34 3.75 4.95
C ALA A 22 1.86 4.54 6.17
N GLN A 23 1.56 5.85 6.22
CA GLN A 23 1.92 6.75 7.30
C GLN A 23 0.84 6.81 8.39
N LEU A 24 -0.44 6.60 8.05
CA LEU A 24 -1.49 6.60 9.07
C LEU A 24 -1.34 5.41 10.00
N LEU A 25 -1.59 4.20 9.49
CA LEU A 25 -1.73 3.04 10.38
C LEU A 25 -1.72 1.74 9.58
N ARG A 26 -0.61 1.46 8.88
CA ARG A 26 -0.49 0.25 8.07
C ARG A 26 -0.15 -1.02 8.89
N ILE A 27 -0.29 -0.95 10.21
CA ILE A 27 -0.01 -1.99 11.17
C ILE A 27 -1.04 -1.83 12.30
N PRO A 28 -1.19 -2.80 13.21
CA PRO A 28 -2.20 -2.73 14.26
C PRO A 28 -1.65 -1.90 15.43
N GLN A 29 -1.33 -0.63 15.15
CA GLN A 29 -0.68 0.37 15.99
C GLN A 29 0.01 1.35 15.04
N THR A 1 12.27 -7.56 -8.48
CA THR A 1 11.54 -8.76 -8.04
C THR A 1 10.86 -8.45 -6.72
N GLY A 2 9.64 -8.94 -6.50
CA GLY A 2 8.87 -8.70 -5.29
C GLY A 2 7.51 -9.38 -5.44
N HIS A 3 6.85 -9.68 -4.33
CA HIS A 3 5.54 -10.31 -4.23
C HIS A 3 5.08 -10.10 -2.79
N ARG A 4 3.89 -10.61 -2.45
CA ARG A 4 3.36 -10.63 -1.09
C ARG A 4 3.09 -9.20 -0.61
N MET A 5 1.93 -8.68 -1.00
CA MET A 5 1.55 -7.27 -0.84
C MET A 5 2.52 -6.39 -1.64
N ALA A 6 2.75 -6.83 -2.87
CA ALA A 6 3.39 -6.09 -3.97
C ALA A 6 2.32 -5.55 -4.89
N TRP A 7 1.34 -6.42 -5.15
CA TRP A 7 0.20 -6.18 -6.01
C TRP A 7 -0.46 -4.83 -5.65
N ASP A 8 -0.47 -4.49 -4.36
CA ASP A 8 -0.82 -3.18 -3.85
C ASP A 8 0.44 -2.46 -3.38
N MET A 9 0.38 -1.13 -3.33
CA MET A 9 1.38 -0.23 -2.76
C MET A 9 2.63 -0.12 -3.64
N MET A 10 3.28 -1.24 -3.95
CA MET A 10 4.39 -1.27 -4.90
C MET A 10 3.88 -0.87 -6.28
N MET A 11 2.85 -1.58 -6.78
CA MET A 11 2.24 -1.23 -8.03
C MET A 11 1.54 0.13 -7.94
N ASN A 12 1.69 0.95 -8.99
CA ASN A 12 1.20 2.32 -9.05
C ASN A 12 -0.04 2.39 -9.94
N TRP A 13 -1.14 1.81 -9.48
CA TRP A 13 -2.42 1.90 -10.17
C TRP A 13 -3.04 3.27 -9.90
N SER A 14 -3.35 3.50 -8.63
CA SER A 14 -3.81 4.76 -8.04
C SER A 14 -3.88 4.60 -6.50
N PRO A 15 -2.75 4.30 -5.82
CA PRO A 15 -2.68 4.17 -4.37
C PRO A 15 -2.76 5.52 -3.67
N THR A 16 -3.63 6.42 -4.14
CA THR A 16 -3.78 7.83 -3.76
C THR A 16 -3.23 8.16 -2.38
N ALA A 17 -3.89 7.63 -1.36
CA ALA A 17 -3.53 7.82 0.03
C ALA A 17 -2.82 6.64 0.62
N ALA A 18 -2.71 5.48 -0.04
CA ALA A 18 -2.21 4.27 0.60
C ALA A 18 -0.85 4.53 1.24
N LEU A 19 0.02 5.25 0.53
CA LEU A 19 1.30 5.73 1.02
C LEU A 19 1.21 6.58 2.29
N VAL A 20 0.15 7.36 2.46
CA VAL A 20 -0.09 8.11 3.68
C VAL A 20 -0.73 7.21 4.74
N VAL A 21 -1.79 6.51 4.40
CA VAL A 21 -2.41 5.49 5.23
C VAL A 21 -1.38 4.53 5.81
N ALA A 22 -0.33 4.25 5.03
CA ALA A 22 0.77 3.39 5.44
C ALA A 22 1.45 3.87 6.72
N GLN A 23 1.42 5.19 6.93
CA GLN A 23 1.96 5.90 8.08
C GLN A 23 0.83 6.23 9.07
N LEU A 24 -0.36 6.65 8.61
CA LEU A 24 -1.52 6.74 9.49
C LEU A 24 -1.87 5.41 10.18
N LEU A 25 -2.45 4.45 9.44
CA LEU A 25 -2.99 3.21 10.01
C LEU A 25 -3.44 2.21 8.92
N ARG A 26 -2.50 1.54 8.24
CA ARG A 26 -2.83 0.51 7.22
C ARG A 26 -3.13 -0.88 7.81
N ILE A 27 -2.93 -1.07 9.12
CA ILE A 27 -3.11 -2.34 9.82
C ILE A 27 -4.13 -2.07 10.94
N PRO A 28 -4.66 -3.10 11.62
CA PRO A 28 -5.73 -2.93 12.60
C PRO A 28 -5.15 -2.50 13.96
N GLN A 29 -4.29 -1.47 13.95
CA GLN A 29 -3.46 -0.93 15.02
C GLN A 29 -2.36 -0.16 14.31
N THR A 1 12.58 -5.01 -4.07
CA THR A 1 12.41 -6.45 -3.79
C THR A 1 10.97 -6.66 -3.31
N GLY A 2 10.67 -7.82 -2.72
CA GLY A 2 9.33 -8.14 -2.22
C GLY A 2 8.46 -8.76 -3.31
N HIS A 3 7.16 -8.93 -3.00
CA HIS A 3 6.12 -9.53 -3.83
C HIS A 3 4.84 -9.65 -3.00
N ARG A 4 4.98 -10.20 -1.78
CA ARG A 4 3.87 -10.56 -0.91
C ARG A 4 2.81 -9.46 -0.81
N MET A 5 3.23 -8.19 -0.80
CA MET A 5 2.35 -7.07 -1.07
C MET A 5 3.08 -6.05 -1.95
N ALA A 6 3.31 -6.46 -3.21
CA ALA A 6 3.73 -5.58 -4.30
C ALA A 6 2.50 -5.09 -5.06
N TRP A 7 1.62 -6.04 -5.34
CA TRP A 7 0.36 -5.86 -6.07
C TRP A 7 -0.39 -4.61 -5.58
N ASP A 8 -0.53 -4.48 -4.26
CA ASP A 8 -0.94 -3.23 -3.62
C ASP A 8 0.34 -2.58 -3.10
N MET A 9 0.29 -1.28 -2.86
CA MET A 9 1.33 -0.47 -2.25
C MET A 9 2.43 -0.12 -3.25
N MET A 10 3.05 -1.11 -3.89
CA MET A 10 4.11 -0.85 -4.85
C MET A 10 3.56 -0.49 -6.23
N MET A 11 2.57 -1.23 -6.74
CA MET A 11 2.08 -0.96 -8.09
C MET A 11 1.34 0.38 -8.11
N ASN A 12 1.82 1.33 -8.93
CA ASN A 12 1.16 2.62 -9.08
C ASN A 12 0.00 2.50 -10.05
N TRP A 13 -1.09 1.89 -9.63
CA TRP A 13 -2.34 2.00 -10.37
C TRP A 13 -2.89 3.40 -10.06
N SER A 14 -3.56 3.52 -8.92
CA SER A 14 -4.07 4.75 -8.33
C SER A 14 -4.10 4.63 -6.79
N PRO A 15 -3.00 4.24 -6.12
CA PRO A 15 -2.93 4.09 -4.67
C PRO A 15 -2.81 5.46 -3.98
N THR A 16 -3.69 6.39 -4.36
CA THR A 16 -3.70 7.81 -3.99
C THR A 16 -3.10 8.09 -2.62
N ALA A 17 -3.63 7.41 -1.60
CA ALA A 17 -3.26 7.61 -0.21
C ALA A 17 -2.56 6.42 0.41
N ALA A 18 -2.29 5.33 -0.32
CA ALA A 18 -1.86 4.09 0.34
C ALA A 18 -0.60 4.32 1.18
N LEU A 19 0.41 4.92 0.56
CA LEU A 19 1.60 5.50 1.14
C LEU A 19 1.37 6.33 2.41
N VAL A 20 0.21 6.98 2.52
CA VAL A 20 -0.19 7.78 3.68
C VAL A 20 -0.84 6.88 4.72
N VAL A 21 -1.84 6.10 4.32
CA VAL A 21 -2.53 5.16 5.19
C VAL A 21 -1.51 4.30 5.93
N ALA A 22 -0.49 3.87 5.19
CA ALA A 22 0.68 3.17 5.70
C ALA A 22 1.27 3.81 6.97
N GLN A 23 1.43 5.13 6.95
CA GLN A 23 2.04 5.92 8.03
C GLN A 23 1.00 6.33 9.07
N LEU A 24 -0.24 6.55 8.63
CA LEU A 24 -1.35 6.91 9.49
C LEU A 24 -1.74 5.74 10.38
N LEU A 25 -2.39 4.74 9.78
CA LEU A 25 -3.07 3.67 10.50
C LEU A 25 -3.63 2.63 9.51
N ARG A 26 -2.75 2.03 8.71
CA ARG A 26 -3.13 0.90 7.87
C ARG A 26 -3.71 -0.26 8.69
N ILE A 27 -3.25 -0.39 9.93
CA ILE A 27 -3.65 -1.45 10.82
C ILE A 27 -5.11 -1.20 11.23
N PRO A 28 -6.03 -2.17 11.07
CA PRO A 28 -7.40 -1.97 11.46
C PRO A 28 -7.47 -1.95 12.99
N GLN A 29 -7.40 -0.74 13.55
CA GLN A 29 -7.28 -0.43 14.97
C GLN A 29 -6.34 -1.38 15.72
N THR A 1 14.02 -12.39 -11.40
CA THR A 1 12.79 -12.88 -10.73
C THR A 1 11.82 -11.71 -10.65
N GLY A 2 10.76 -11.79 -9.85
CA GLY A 2 9.75 -10.76 -9.73
C GLY A 2 8.49 -11.37 -9.11
N HIS A 3 7.33 -10.79 -9.41
CA HIS A 3 6.05 -11.13 -8.79
C HIS A 3 6.19 -11.22 -7.27
N ARG A 4 5.66 -12.29 -6.67
CA ARG A 4 5.40 -12.34 -5.26
C ARG A 4 4.53 -11.12 -4.92
N MET A 5 4.71 -10.48 -3.76
CA MET A 5 3.87 -9.38 -3.31
C MET A 5 4.29 -8.07 -4.01
N ALA A 6 4.10 -8.05 -5.33
CA ALA A 6 4.28 -6.92 -6.24
C ALA A 6 2.93 -6.27 -6.58
N TRP A 7 1.95 -7.16 -6.77
CA TRP A 7 0.61 -6.81 -7.24
C TRP A 7 0.00 -5.68 -6.39
N ASP A 8 0.30 -5.67 -5.09
CA ASP A 8 0.03 -4.55 -4.20
C ASP A 8 1.34 -3.81 -3.96
N MET A 9 1.23 -2.52 -3.60
CA MET A 9 2.31 -1.68 -3.11
C MET A 9 3.28 -1.26 -4.21
N MET A 10 3.91 -2.22 -4.90
CA MET A 10 4.77 -1.90 -6.04
C MET A 10 3.94 -1.33 -7.19
N MET A 11 2.88 -2.03 -7.59
CA MET A 11 2.01 -1.54 -8.65
C MET A 11 1.41 -0.19 -8.28
N ASN A 12 1.64 0.82 -9.13
CA ASN A 12 1.00 2.13 -9.07
C ASN A 12 -0.30 2.07 -9.85
N TRP A 13 -1.42 2.11 -9.14
CA TRP A 13 -2.77 2.22 -9.69
C TRP A 13 -3.22 3.67 -9.48
N SER A 14 -3.74 3.95 -8.28
CA SER A 14 -4.00 5.31 -7.80
C SER A 14 -4.07 5.29 -6.26
N PRO A 15 -2.99 4.86 -5.57
CA PRO A 15 -2.93 4.76 -4.11
C PRO A 15 -2.86 6.11 -3.38
N THR A 16 -3.44 7.18 -3.95
CA THR A 16 -3.38 8.58 -3.52
C THR A 16 -2.89 8.78 -2.09
N ALA A 17 -3.70 8.39 -1.11
CA ALA A 17 -3.36 8.47 0.31
C ALA A 17 -2.93 7.16 0.92
N ALA A 18 -3.22 6.00 0.33
CA ALA A 18 -2.96 4.69 0.96
C ALA A 18 -1.54 4.60 1.51
N LEU A 19 -0.56 5.01 0.70
CA LEU A 19 0.85 5.05 1.08
C LEU A 19 1.14 5.92 2.32
N VAL A 20 0.24 6.84 2.62
CA VAL A 20 0.29 7.71 3.79
C VAL A 20 -0.53 7.08 4.91
N VAL A 21 -1.73 6.62 4.62
CA VAL A 21 -2.60 5.93 5.55
C VAL A 21 -1.83 4.82 6.25
N ALA A 22 -1.01 4.11 5.49
CA ALA A 22 -0.03 3.14 5.96
C ALA A 22 0.76 3.58 7.20
N GLN A 23 1.14 4.86 7.24
CA GLN A 23 1.97 5.53 8.24
C GLN A 23 1.12 6.39 9.20
N LEU A 24 -0.05 6.87 8.75
CA LEU A 24 -1.00 7.63 9.56
C LEU A 24 -1.73 6.66 10.49
N LEU A 25 -2.57 5.79 9.89
CA LEU A 25 -3.54 4.94 10.56
C LEU A 25 -4.31 4.12 9.51
N ARG A 26 -3.72 3.02 9.02
CA ARG A 26 -4.38 2.09 8.09
C ARG A 26 -5.18 1.00 8.83
N ILE A 27 -5.42 1.22 10.12
CA ILE A 27 -5.94 0.27 11.07
C ILE A 27 -6.77 1.11 12.05
N PRO A 28 -7.69 0.49 12.80
CA PRO A 28 -8.64 1.22 13.64
C PRO A 28 -7.94 1.95 14.78
N GLN A 29 -6.77 1.46 15.20
CA GLN A 29 -5.93 1.99 16.25
C GLN A 29 -4.57 1.32 16.04
N THR A 1 9.50 -12.89 -3.39
CA THR A 1 8.58 -12.36 -4.40
C THR A 1 7.88 -11.08 -3.96
N GLY A 2 6.73 -11.20 -3.30
CA GLY A 2 5.86 -10.07 -3.04
C GLY A 2 4.54 -10.63 -2.52
N HIS A 3 3.41 -10.28 -3.17
CA HIS A 3 2.10 -10.53 -2.59
C HIS A 3 2.06 -9.84 -1.21
N ARG A 4 1.16 -10.22 -0.32
CA ARG A 4 1.06 -9.70 1.04
C ARG A 4 0.61 -8.24 1.09
N MET A 5 1.47 -7.32 0.65
CA MET A 5 1.16 -5.91 0.40
C MET A 5 1.98 -5.43 -0.80
N ALA A 6 1.76 -6.14 -1.93
CA ALA A 6 2.26 -5.80 -3.26
C ALA A 6 1.20 -5.07 -4.08
N TRP A 7 -0.05 -5.52 -3.89
CA TRP A 7 -1.22 -4.98 -4.54
C TRP A 7 -1.27 -3.46 -4.35
N ASP A 8 -0.73 -2.96 -3.25
CA ASP A 8 -0.44 -1.55 -3.05
C ASP A 8 1.07 -1.34 -2.95
N MET A 9 1.49 -0.08 -3.03
CA MET A 9 2.84 0.43 -2.83
C MET A 9 3.81 -0.02 -3.93
N MET A 10 3.97 -1.33 -4.14
CA MET A 10 4.76 -1.87 -5.24
C MET A 10 4.01 -1.60 -6.56
N MET A 11 2.73 -1.94 -6.61
CA MET A 11 1.90 -1.60 -7.75
C MET A 11 1.66 -0.09 -7.81
N ASN A 12 1.35 0.41 -9.01
CA ASN A 12 1.18 1.83 -9.28
C ASN A 12 0.00 2.02 -10.24
N TRP A 13 -1.18 1.64 -9.79
CA TRP A 13 -2.42 1.96 -10.50
C TRP A 13 -2.75 3.43 -10.21
N SER A 14 -3.26 3.67 -9.00
CA SER A 14 -3.66 4.96 -8.45
C SER A 14 -3.76 4.89 -6.91
N PRO A 15 -2.71 4.49 -6.17
CA PRO A 15 -2.72 4.29 -4.72
C PRO A 15 -2.77 5.59 -3.88
N THR A 16 -3.51 6.61 -4.34
CA THR A 16 -3.65 7.97 -3.79
C THR A 16 -3.23 8.12 -2.32
N ALA A 17 -4.06 7.64 -1.40
CA ALA A 17 -3.81 7.76 0.04
C ALA A 17 -3.08 6.56 0.60
N ALA A 18 -2.97 5.46 -0.13
CA ALA A 18 -2.51 4.21 0.46
C ALA A 18 -1.12 4.36 1.07
N LEU A 19 -0.20 4.96 0.33
CA LEU A 19 1.11 5.38 0.83
C LEU A 19 1.06 6.24 2.10
N VAL A 20 -0.07 6.89 2.39
CA VAL A 20 -0.30 7.60 3.65
C VAL A 20 -0.86 6.61 4.67
N VAL A 21 -1.96 5.93 4.38
CA VAL A 21 -2.55 4.86 5.18
C VAL A 21 -1.47 3.97 5.79
N ALA A 22 -0.45 3.66 4.98
CA ALA A 22 0.79 2.99 5.34
C ALA A 22 1.40 3.50 6.66
N GLN A 23 1.51 4.82 6.77
CA GLN A 23 2.08 5.60 7.87
C GLN A 23 1.00 6.14 8.83
N LEU A 24 -0.25 6.17 8.39
CA LEU A 24 -1.42 6.68 9.07
C LEU A 24 -1.92 5.57 10.00
N LEU A 25 -2.38 4.44 9.44
CA LEU A 25 -2.92 3.34 10.21
C LEU A 25 -3.15 2.08 9.35
N ARG A 26 -2.08 1.44 8.86
CA ARG A 26 -2.14 0.19 8.07
C ARG A 26 -2.34 -1.07 8.93
N ILE A 27 -2.80 -0.90 10.16
CA ILE A 27 -2.94 -1.90 11.19
C ILE A 27 -4.20 -1.51 11.96
N PRO A 28 -4.78 -2.38 12.78
CA PRO A 28 -5.97 -2.03 13.52
C PRO A 28 -5.66 -0.95 14.57
N GLN A 29 -6.71 -0.33 15.09
CA GLN A 29 -6.61 0.70 16.12
C GLN A 29 -6.00 0.17 17.42
N THR A 1 5.16 -12.38 -10.43
CA THR A 1 4.37 -13.60 -10.64
C THR A 1 3.32 -13.69 -9.56
N GLY A 2 2.12 -14.20 -9.87
CA GLY A 2 1.04 -14.29 -8.90
C GLY A 2 0.61 -12.91 -8.38
N HIS A 3 -0.23 -12.92 -7.35
CA HIS A 3 -0.60 -11.78 -6.53
C HIS A 3 -0.82 -12.40 -5.14
N ARG A 4 -0.20 -11.83 -4.10
CA ARG A 4 -0.44 -12.18 -2.70
C ARG A 4 -0.41 -10.90 -1.87
N MET A 5 0.65 -10.10 -2.01
CA MET A 5 0.71 -8.70 -1.59
C MET A 5 1.61 -7.96 -2.58
N ALA A 6 1.26 -8.13 -3.85
CA ALA A 6 1.79 -7.37 -4.97
C ALA A 6 0.86 -6.21 -5.29
N TRP A 7 -0.44 -6.44 -5.03
CA TRP A 7 -1.52 -5.58 -5.48
C TRP A 7 -1.32 -4.10 -5.09
N ASP A 8 -0.76 -3.87 -3.89
CA ASP A 8 -0.34 -2.55 -3.41
C ASP A 8 1.18 -2.42 -3.53
N MET A 9 1.67 -1.19 -3.41
CA MET A 9 3.07 -0.79 -3.30
C MET A 9 3.87 -1.02 -4.58
N MET A 10 3.89 -2.26 -5.08
CA MET A 10 4.63 -2.60 -6.30
C MET A 10 3.98 -1.92 -7.49
N MET A 11 2.64 -1.99 -7.56
CA MET A 11 1.87 -1.36 -8.60
C MET A 11 1.67 0.12 -8.30
N ASN A 12 1.28 0.90 -9.32
CA ASN A 12 1.13 2.36 -9.22
C ASN A 12 -0.10 2.80 -10.01
N TRP A 13 -1.23 2.13 -9.78
CA TRP A 13 -2.50 2.50 -10.40
C TRP A 13 -2.96 3.85 -9.84
N SER A 14 -3.11 3.91 -8.53
CA SER A 14 -3.46 5.06 -7.70
C SER A 14 -3.49 4.64 -6.22
N PRO A 15 -2.43 4.04 -5.64
CA PRO A 15 -2.31 3.76 -4.20
C PRO A 15 -2.04 5.04 -3.41
N THR A 16 -2.74 6.10 -3.80
CA THR A 16 -2.48 7.48 -3.49
C THR A 16 -2.69 7.77 -2.00
N ALA A 17 -3.80 7.33 -1.42
CA ALA A 17 -3.90 7.39 0.03
C ALA A 17 -3.12 6.26 0.68
N ALA A 18 -3.02 5.08 0.08
CA ALA A 18 -2.43 3.92 0.75
C ALA A 18 -1.07 4.28 1.34
N LEU A 19 -0.28 5.03 0.58
CA LEU A 19 1.00 5.54 1.06
C LEU A 19 0.81 6.40 2.33
N VAL A 20 -0.22 7.25 2.37
CA VAL A 20 -0.52 8.04 3.56
C VAL A 20 -1.02 7.14 4.69
N VAL A 21 -1.88 6.19 4.38
CA VAL A 21 -2.42 5.23 5.32
C VAL A 21 -1.29 4.50 6.03
N ALA A 22 -0.16 4.34 5.34
CA ALA A 22 1.04 3.81 5.96
C ALA A 22 1.44 4.57 7.24
N GLN A 23 1.31 5.90 7.21
CA GLN A 23 1.59 6.79 8.33
C GLN A 23 0.35 6.98 9.21
N LEU A 24 -0.85 7.08 8.63
CA LEU A 24 -2.08 7.18 9.40
C LEU A 24 -2.30 5.95 10.29
N LEU A 25 -2.68 4.82 9.67
CA LEU A 25 -3.14 3.64 10.39
C LEU A 25 -3.37 2.46 9.44
N ARG A 26 -2.29 1.79 9.02
CA ARG A 26 -2.34 0.55 8.23
C ARG A 26 -2.27 -0.70 9.13
N ILE A 27 -2.72 -0.57 10.38
CA ILE A 27 -2.66 -1.57 11.43
C ILE A 27 -3.90 -1.36 12.33
N PRO A 28 -4.28 -2.35 13.16
CA PRO A 28 -5.47 -2.26 13.97
C PRO A 28 -5.15 -1.47 15.24
N GLN A 29 -5.54 -0.19 15.25
CA GLN A 29 -5.26 0.75 16.33
C GLN A 29 -3.79 1.15 16.30
N THR A 1 10.33 -8.14 -11.03
CA THR A 1 10.53 -8.90 -9.78
C THR A 1 9.28 -8.68 -8.92
N GLY A 2 9.29 -9.14 -7.66
CA GLY A 2 8.13 -9.06 -6.81
C GLY A 2 7.20 -10.25 -7.07
N HIS A 3 6.34 -10.54 -6.09
CA HIS A 3 5.29 -11.55 -6.05
C HIS A 3 4.73 -11.48 -4.63
N ARG A 4 3.98 -12.48 -4.19
CA ARG A 4 3.40 -12.60 -2.86
C ARG A 4 2.35 -11.53 -2.59
N MET A 5 2.78 -10.27 -2.43
CA MET A 5 1.89 -9.13 -2.34
C MET A 5 2.21 -8.00 -3.34
N ALA A 6 3.25 -8.14 -4.18
CA ALA A 6 3.65 -7.14 -5.18
C ALA A 6 2.50 -6.50 -5.95
N TRP A 7 1.53 -7.33 -6.31
CA TRP A 7 0.35 -6.94 -7.07
C TRP A 7 -0.31 -5.68 -6.47
N ASP A 8 -0.16 -5.47 -5.15
CA ASP A 8 -0.47 -4.20 -4.52
C ASP A 8 0.79 -3.62 -3.86
N MET A 9 0.70 -2.37 -3.41
CA MET A 9 1.70 -1.65 -2.64
C MET A 9 2.92 -1.28 -3.50
N MET A 10 3.63 -2.26 -4.05
CA MET A 10 4.69 -2.03 -5.04
C MET A 10 4.09 -1.35 -6.27
N MET A 11 3.00 -1.91 -6.80
CA MET A 11 2.33 -1.35 -7.94
C MET A 11 1.76 0.04 -7.59
N ASN A 12 2.20 1.07 -8.32
CA ASN A 12 1.63 2.40 -8.27
C ASN A 12 0.45 2.46 -9.23
N TRP A 13 -0.75 2.31 -8.71
CA TRP A 13 -2.00 2.50 -9.44
C TRP A 13 -2.44 3.95 -9.22
N SER A 14 -3.12 4.20 -8.10
CA SER A 14 -3.43 5.52 -7.58
C SER A 14 -3.73 5.41 -6.08
N PRO A 15 -2.76 4.97 -5.26
CA PRO A 15 -2.87 4.87 -3.80
C PRO A 15 -2.87 6.25 -3.14
N THR A 16 -3.71 7.17 -3.62
CA THR A 16 -3.79 8.57 -3.23
C THR A 16 -3.61 8.76 -1.72
N ALA A 17 -4.62 8.36 -0.95
CA ALA A 17 -4.48 8.30 0.49
C ALA A 17 -3.73 7.05 0.90
N ALA A 18 -3.81 5.94 0.16
CA ALA A 18 -3.31 4.68 0.66
C ALA A 18 -1.81 4.72 1.01
N LEU A 19 -0.97 5.42 0.24
CA LEU A 19 0.42 5.64 0.58
C LEU A 19 0.58 6.47 1.85
N VAL A 20 -0.45 7.25 2.17
CA VAL A 20 -0.54 7.94 3.44
C VAL A 20 -0.95 6.92 4.48
N VAL A 21 -2.09 6.28 4.36
CA VAL A 21 -2.58 5.27 5.28
C VAL A 21 -1.47 4.34 5.74
N ALA A 22 -0.64 3.91 4.80
CA ALA A 22 0.58 3.17 5.05
C ALA A 22 1.41 3.70 6.23
N GLN A 23 1.61 5.02 6.27
CA GLN A 23 2.31 5.78 7.32
C GLN A 23 1.34 6.35 8.38
N LEU A 24 0.06 6.51 8.04
CA LEU A 24 -0.94 7.20 8.83
C LEU A 24 -1.41 6.24 9.92
N LEU A 25 -1.97 5.10 9.50
CA LEU A 25 -2.41 4.02 10.37
C LEU A 25 -2.95 2.85 9.53
N ARG A 26 -2.05 2.06 8.93
CA ARG A 26 -2.41 0.82 8.24
C ARG A 26 -2.48 -0.38 9.19
N ILE A 27 -2.39 -0.13 10.50
CA ILE A 27 -2.21 -1.10 11.56
C ILE A 27 -3.13 -0.70 12.72
N PRO A 28 -3.45 -1.62 13.65
CA PRO A 28 -4.42 -1.37 14.72
C PRO A 28 -3.93 -0.31 15.70
N GLN A 29 -2.62 -0.18 15.84
CA GLN A 29 -1.91 0.78 16.65
C GLN A 29 -0.52 0.87 16.01
N THR A 1 2.60 -11.02 -17.40
CA THR A 1 3.39 -11.90 -16.51
C THR A 1 3.01 -11.59 -15.06
N GLY A 2 3.81 -12.06 -14.10
CA GLY A 2 3.75 -11.72 -12.68
C GLY A 2 2.35 -11.82 -12.08
N HIS A 3 2.11 -10.96 -11.08
CA HIS A 3 0.93 -10.84 -10.21
C HIS A 3 1.29 -11.36 -8.81
N ARG A 4 0.49 -12.27 -8.25
CA ARG A 4 0.49 -12.55 -6.83
C ARG A 4 0.21 -11.23 -6.09
N MET A 5 0.60 -11.06 -4.83
CA MET A 5 0.39 -9.82 -4.09
C MET A 5 1.41 -8.75 -4.52
N ALA A 6 1.27 -8.34 -5.78
CA ALA A 6 1.99 -7.27 -6.47
C ALA A 6 1.11 -6.05 -6.68
N TRP A 7 -0.18 -6.33 -6.87
CA TRP A 7 -1.19 -5.33 -7.19
C TRP A 7 -1.16 -4.17 -6.19
N ASP A 8 -0.87 -4.47 -4.92
CA ASP A 8 -0.56 -3.46 -3.91
C ASP A 8 0.95 -3.39 -3.73
N MET A 9 1.42 -2.20 -3.32
CA MET A 9 2.79 -1.90 -2.93
C MET A 9 3.70 -1.84 -4.16
N MET A 10 3.88 -2.96 -4.87
CA MET A 10 4.71 -3.00 -6.06
C MET A 10 4.09 -2.17 -7.18
N MET A 11 2.83 -2.46 -7.53
CA MET A 11 2.16 -1.71 -8.57
C MET A 11 1.66 -0.38 -8.00
N ASN A 12 2.33 0.72 -8.37
CA ASN A 12 1.84 2.05 -8.08
C ASN A 12 0.84 2.45 -9.16
N TRP A 13 -0.42 2.10 -8.97
CA TRP A 13 -1.51 2.61 -9.81
C TRP A 13 -1.78 4.06 -9.40
N SER A 14 -2.69 4.23 -8.44
CA SER A 14 -3.02 5.48 -7.79
C SER A 14 -3.47 5.19 -6.34
N PRO A 15 -2.61 4.58 -5.51
CA PRO A 15 -2.84 4.33 -4.08
C PRO A 15 -2.75 5.64 -3.27
N THR A 16 -3.44 6.67 -3.75
CA THR A 16 -3.35 8.06 -3.30
C THR A 16 -3.50 8.20 -1.80
N ALA A 17 -4.53 7.59 -1.20
CA ALA A 17 -4.60 7.56 0.25
C ALA A 17 -3.77 6.45 0.85
N ALA A 18 -3.66 5.28 0.21
CA ALA A 18 -3.03 4.13 0.85
C ALA A 18 -1.62 4.44 1.36
N LEU A 19 -0.82 5.09 0.53
CA LEU A 19 0.48 5.67 0.93
C LEU A 19 0.39 6.61 2.14
N VAL A 20 -0.74 7.26 2.35
CA VAL A 20 -1.03 8.05 3.54
C VAL A 20 -1.39 7.11 4.68
N VAL A 21 -2.43 6.32 4.53
CA VAL A 21 -2.91 5.29 5.45
C VAL A 21 -1.72 4.57 6.08
N ALA A 22 -0.72 4.26 5.29
CA ALA A 22 0.55 3.75 5.78
C ALA A 22 1.13 4.61 6.91
N GLN A 23 1.42 5.87 6.64
CA GLN A 23 1.98 6.85 7.59
C GLN A 23 0.97 7.24 8.68
N LEU A 24 -0.32 7.11 8.38
CA LEU A 24 -1.47 7.44 9.21
C LEU A 24 -1.64 6.38 10.30
N LEU A 25 -1.91 5.14 9.90
CA LEU A 25 -2.06 3.94 10.71
C LEU A 25 -1.46 2.79 9.88
N ARG A 26 -0.18 2.51 10.05
CA ARG A 26 0.49 1.55 9.21
C ARG A 26 -0.11 0.16 9.38
N ILE A 27 -0.80 -0.31 8.35
CA ILE A 27 -1.30 -1.69 8.32
C ILE A 27 -2.27 -1.82 9.53
N PRO A 28 -2.74 -3.00 9.98
CA PRO A 28 -3.69 -3.04 11.08
C PRO A 28 -2.96 -2.90 12.43
N GLN A 29 -2.24 -1.79 12.65
CA GLN A 29 -1.50 -1.42 13.87
C GLN A 29 -0.59 -0.23 13.55
N THR A 1 9.90 -8.46 -1.64
CA THR A 1 9.88 -8.15 -3.07
C THR A 1 9.04 -9.20 -3.80
N GLY A 2 8.13 -8.78 -4.68
CA GLY A 2 7.33 -9.67 -5.50
C GLY A 2 6.22 -10.37 -4.72
N HIS A 3 4.98 -10.27 -5.23
CA HIS A 3 3.80 -10.85 -4.60
C HIS A 3 3.64 -10.35 -3.16
N ARG A 4 2.81 -11.08 -2.42
CA ARG A 4 2.66 -11.04 -0.98
C ARG A 4 1.99 -9.76 -0.49
N MET A 5 2.63 -8.61 -0.73
CA MET A 5 2.09 -7.28 -0.51
C MET A 5 2.19 -6.40 -1.76
N ALA A 6 2.65 -6.96 -2.90
CA ALA A 6 2.62 -6.34 -4.23
C ALA A 6 1.37 -5.53 -4.52
N TRP A 7 0.22 -6.10 -4.12
CA TRP A 7 -1.08 -5.49 -4.30
C TRP A 7 -1.12 -4.02 -3.87
N ASP A 8 -0.21 -3.60 -2.99
CA ASP A 8 0.07 -2.21 -2.69
C ASP A 8 1.55 -1.88 -2.98
N MET A 9 1.87 -0.58 -3.03
CA MET A 9 3.21 0.00 -3.10
C MET A 9 3.90 -0.24 -4.45
N MET A 10 4.10 -1.50 -4.85
CA MET A 10 4.61 -1.87 -6.17
C MET A 10 3.61 -1.45 -7.25
N MET A 11 2.34 -1.80 -7.04
CA MET A 11 1.27 -1.38 -7.93
C MET A 11 1.21 0.15 -8.01
N ASN A 12 0.65 0.67 -9.10
CA ASN A 12 0.46 2.10 -9.30
C ASN A 12 -0.90 2.37 -9.93
N TRP A 13 -1.96 1.84 -9.34
CA TRP A 13 -3.33 2.21 -9.72
C TRP A 13 -3.57 3.65 -9.28
N SER A 14 -3.78 3.79 -7.98
CA SER A 14 -3.97 5.03 -7.24
C SER A 14 -3.64 4.78 -5.75
N PRO A 15 -2.44 4.30 -5.41
CA PRO A 15 -1.96 4.25 -4.03
C PRO A 15 -1.67 5.65 -3.48
N THR A 16 -2.12 6.70 -4.18
CA THR A 16 -2.19 8.10 -3.82
C THR A 16 -2.43 8.29 -2.32
N ALA A 17 -3.46 7.64 -1.76
CA ALA A 17 -3.61 7.60 -0.32
C ALA A 17 -2.75 6.51 0.29
N ALA A 18 -2.67 5.32 -0.30
CA ALA A 18 -2.03 4.16 0.32
C ALA A 18 -0.67 4.47 0.95
N LEU A 19 0.21 5.19 0.26
CA LEU A 19 1.43 5.72 0.87
C LEU A 19 1.18 6.49 2.16
N VAL A 20 0.16 7.32 2.17
CA VAL A 20 -0.34 7.94 3.39
C VAL A 20 -0.91 6.89 4.36
N VAL A 21 -1.77 5.99 3.91
CA VAL A 21 -2.36 4.97 4.75
C VAL A 21 -1.30 4.15 5.45
N ALA A 22 -0.14 3.99 4.78
CA ALA A 22 0.97 3.25 5.36
C ALA A 22 1.34 3.80 6.74
N GLN A 23 1.19 5.12 6.90
CA GLN A 23 1.52 5.93 8.06
C GLN A 23 0.26 6.20 8.88
N LEU A 24 -0.91 6.34 8.25
CA LEU A 24 -2.16 6.46 8.98
C LEU A 24 -2.51 5.20 9.79
N LEU A 25 -2.96 4.13 9.12
CA LEU A 25 -3.57 2.98 9.81
C LEU A 25 -3.90 1.85 8.82
N ARG A 26 -2.89 1.07 8.49
CA ARG A 26 -2.96 -0.02 7.52
C ARG A 26 -3.31 -1.39 8.15
N ILE A 27 -3.91 -1.45 9.34
CA ILE A 27 -3.96 -2.65 10.17
C ILE A 27 -5.14 -2.50 11.13
N PRO A 28 -5.54 -3.56 11.84
CA PRO A 28 -6.73 -3.53 12.69
C PRO A 28 -6.40 -2.88 14.04
N GLN A 29 -5.70 -1.74 14.02
CA GLN A 29 -5.06 -0.98 15.09
C GLN A 29 -3.89 -0.26 14.40
#